data_1FW5
# 
_entry.id   1FW5 
# 
_audit_conform.dict_name       mmcif_pdbx.dic 
_audit_conform.dict_version    5.392 
_audit_conform.dict_location   http://mmcif.pdb.org/dictionaries/ascii/mmcif_pdbx.dic 
# 
loop_
_database_2.database_id 
_database_2.database_code 
_database_2.pdbx_database_accession 
_database_2.pdbx_DOI 
PDB   1FW5         pdb_00001fw5 10.2210/pdb1fw5/pdb 
RCSB  RCSB011953   ?            ?                   
WWPDB D_1000011953 ?            ?                   
# 
loop_
_pdbx_audit_revision_history.ordinal 
_pdbx_audit_revision_history.data_content_type 
_pdbx_audit_revision_history.major_revision 
_pdbx_audit_revision_history.minor_revision 
_pdbx_audit_revision_history.revision_date 
1 'Structure model' 1 0 2001-09-21 
2 'Structure model' 1 1 2008-04-27 
3 'Structure model' 1 2 2011-07-13 
4 'Structure model' 1 3 2022-02-23 
5 'Structure model' 1 4 2024-05-22 
# 
_pdbx_audit_revision_details.ordinal             1 
_pdbx_audit_revision_details.revision_ordinal    1 
_pdbx_audit_revision_details.data_content_type   'Structure model' 
_pdbx_audit_revision_details.provider            repository 
_pdbx_audit_revision_details.type                'Initial release' 
_pdbx_audit_revision_details.description         ? 
_pdbx_audit_revision_details.details             ? 
# 
loop_
_pdbx_audit_revision_group.ordinal 
_pdbx_audit_revision_group.revision_ordinal 
_pdbx_audit_revision_group.data_content_type 
_pdbx_audit_revision_group.group 
1 2 'Structure model' 'Version format compliance' 
2 3 'Structure model' 'Version format compliance' 
3 4 'Structure model' 'Database references'       
4 4 'Structure model' 'Derived calculations'      
5 5 'Structure model' 'Data collection'           
# 
loop_
_pdbx_audit_revision_category.ordinal 
_pdbx_audit_revision_category.revision_ordinal 
_pdbx_audit_revision_category.data_content_type 
_pdbx_audit_revision_category.category 
1 4 'Structure model' database_2            
2 4 'Structure model' pdbx_struct_assembly  
3 4 'Structure model' pdbx_struct_oper_list 
4 5 'Structure model' chem_comp_atom        
5 5 'Structure model' chem_comp_bond        
# 
loop_
_pdbx_audit_revision_item.ordinal 
_pdbx_audit_revision_item.revision_ordinal 
_pdbx_audit_revision_item.data_content_type 
_pdbx_audit_revision_item.item 
1 4 'Structure model' '_database_2.pdbx_DOI'                
2 4 'Structure model' '_database_2.pdbx_database_accession' 
# 
_pdbx_database_status.status_code                     REL 
_pdbx_database_status.entry_id                        1FW5 
_pdbx_database_status.recvd_initial_deposition_date   2000-09-21 
_pdbx_database_status.deposit_site                    RCSB 
_pdbx_database_status.process_site                    RCSB 
_pdbx_database_status.SG_entry                        . 
_pdbx_database_status.pdb_format_compatible           Y 
_pdbx_database_status.status_code_mr                  ? 
_pdbx_database_status.status_code_sf                  ? 
_pdbx_database_status.status_code_cs                  ? 
_pdbx_database_status.status_code_nmr_data            ? 
_pdbx_database_status.methods_development_category    ? 
# 
loop_
_audit_author.name 
_audit_author.pdbx_ordinal 
'Lampio, A.'     1 
'Kilpelinen, I.' 2 
'Pesonen, S.'    3 
'Karhi, K.'      4 
'Auvinen, P.'    5 
'Somerharju, P.' 6 
'Kriinen, L.'    7 
# 
_citation.id                        primary 
_citation.title                     'Membrane binding mechanism of an RNA virus-capping enzyme.' 
_citation.journal_abbrev            J.Biol.Chem. 
_citation.journal_volume            275 
_citation.page_first                37853 
_citation.page_last                 37859 
_citation.year                      2001 
_citation.journal_id_ASTM           JBCHA3 
_citation.country                   US 
_citation.journal_id_ISSN           0021-9258 
_citation.journal_id_CSD            0071 
_citation.book_publisher            ? 
_citation.pdbx_database_id_PubMed   10984480 
_citation.pdbx_database_id_DOI      10.1074/jbc.M004865200 
# 
loop_
_citation_author.citation_id 
_citation_author.name 
_citation_author.ordinal 
_citation_author.identifier_ORCID 
primary 'Lampio, A.'      1 ? 
primary 'Kilpelainen, I.' 2 ? 
primary 'Pesonen, S.'     3 ? 
primary 'Karhi, K.'       4 ? 
primary 'Auvinen, P.'     5 ? 
primary 'Somerharju, P.'  6 ? 
primary 'Kaariainen, L.'  7 ? 
# 
_entity.id                         1 
_entity.type                       polymer 
_entity.src_method                 syn 
_entity.pdbx_description           'NONSTRUCTURAL PROTEIN NSP1' 
_entity.formula_weight             2334.674 
_entity.pdbx_number_of_molecules   1 
_entity.pdbx_ec                    ? 
_entity.pdbx_mutation              ? 
_entity.pdbx_fragment              'RESIDUES 245-364 OF NSP1' 
_entity.details                    ? 
# 
_entity_poly.entity_id                      1 
_entity_poly.type                           'polypeptide(L)' 
_entity_poly.nstd_linkage                   no 
_entity_poly.nstd_monomer                   no 
_entity_poly.pdbx_seq_one_letter_code       GSTLYTESRKLLRSWHLPSV 
_entity_poly.pdbx_seq_one_letter_code_can   GSTLYTESRKLLRSWHLPSV 
_entity_poly.pdbx_strand_id                 A 
_entity_poly.pdbx_target_identifier         ? 
# 
loop_
_entity_poly_seq.entity_id 
_entity_poly_seq.num 
_entity_poly_seq.mon_id 
_entity_poly_seq.hetero 
1 1  GLY n 
1 2  SER n 
1 3  THR n 
1 4  LEU n 
1 5  TYR n 
1 6  THR n 
1 7  GLU n 
1 8  SER n 
1 9  ARG n 
1 10 LYS n 
1 11 LEU n 
1 12 LEU n 
1 13 ARG n 
1 14 SER n 
1 15 TRP n 
1 16 HIS n 
1 17 LEU n 
1 18 PRO n 
1 19 SER n 
1 20 VAL n 
# 
_pdbx_entity_src_syn.entity_id              1 
_pdbx_entity_src_syn.pdbx_src_id            1 
_pdbx_entity_src_syn.pdbx_alt_source_flag   sample 
_pdbx_entity_src_syn.pdbx_beg_seq_num       ? 
_pdbx_entity_src_syn.pdbx_end_seq_num       ? 
_pdbx_entity_src_syn.organism_scientific    ? 
_pdbx_entity_src_syn.organism_common_name   ? 
_pdbx_entity_src_syn.ncbi_taxonomy_id       ? 
_pdbx_entity_src_syn.details                
'The peptide was chemically synthesized. The sequence of the peptide is naturally found in Semliki forest virus (SFV).' 
# 
loop_
_chem_comp.id 
_chem_comp.type 
_chem_comp.mon_nstd_flag 
_chem_comp.name 
_chem_comp.pdbx_synonyms 
_chem_comp.formula 
_chem_comp.formula_weight 
ARG 'L-peptide linking' y ARGININE        ? 'C6 H15 N4 O2 1' 175.209 
GLU 'L-peptide linking' y 'GLUTAMIC ACID' ? 'C5 H9 N O4'     147.129 
GLY 'peptide linking'   y GLYCINE         ? 'C2 H5 N O2'     75.067  
HIS 'L-peptide linking' y HISTIDINE       ? 'C6 H10 N3 O2 1' 156.162 
LEU 'L-peptide linking' y LEUCINE         ? 'C6 H13 N O2'    131.173 
LYS 'L-peptide linking' y LYSINE          ? 'C6 H15 N2 O2 1' 147.195 
PRO 'L-peptide linking' y PROLINE         ? 'C5 H9 N O2'     115.130 
SER 'L-peptide linking' y SERINE          ? 'C3 H7 N O3'     105.093 
THR 'L-peptide linking' y THREONINE       ? 'C4 H9 N O3'     119.119 
TRP 'L-peptide linking' y TRYPTOPHAN      ? 'C11 H12 N2 O2'  204.225 
TYR 'L-peptide linking' y TYROSINE        ? 'C9 H11 N O3'    181.189 
VAL 'L-peptide linking' y VALINE          ? 'C5 H11 N O2'    117.146 
# 
loop_
_pdbx_poly_seq_scheme.asym_id 
_pdbx_poly_seq_scheme.entity_id 
_pdbx_poly_seq_scheme.seq_id 
_pdbx_poly_seq_scheme.mon_id 
_pdbx_poly_seq_scheme.ndb_seq_num 
_pdbx_poly_seq_scheme.pdb_seq_num 
_pdbx_poly_seq_scheme.auth_seq_num 
_pdbx_poly_seq_scheme.pdb_mon_id 
_pdbx_poly_seq_scheme.auth_mon_id 
_pdbx_poly_seq_scheme.pdb_strand_id 
_pdbx_poly_seq_scheme.pdb_ins_code 
_pdbx_poly_seq_scheme.hetero 
A 1 1  GLY 1  1  1  GLY GLY A . n 
A 1 2  SER 2  2  2  SER SER A . n 
A 1 3  THR 3  3  3  THR THR A . n 
A 1 4  LEU 4  4  4  LEU LEU A . n 
A 1 5  TYR 5  5  5  TYR TYR A . n 
A 1 6  THR 6  6  6  THR THR A . n 
A 1 7  GLU 7  7  7  GLU GLU A . n 
A 1 8  SER 8  8  8  SER SER A . n 
A 1 9  ARG 9  9  9  ARG ARG A . n 
A 1 10 LYS 10 10 10 LYS LYS A . n 
A 1 11 LEU 11 11 11 LEU LEU A . n 
A 1 12 LEU 12 12 12 LEU LEU A . n 
A 1 13 ARG 13 13 13 ARG ARG A . n 
A 1 14 SER 14 14 14 SER SER A . n 
A 1 15 TRP 15 15 15 TRP TRP A . n 
A 1 16 HIS 16 16 16 HIS HIS A . n 
A 1 17 LEU 17 17 17 LEU LEU A . n 
A 1 18 PRO 18 18 18 PRO PRO A . n 
A 1 19 SER 19 19 19 SER SER A . n 
A 1 20 VAL 20 20 20 VAL VAL A . n 
# 
_cell.entry_id           1FW5 
_cell.length_a           ? 
_cell.length_b           ? 
_cell.length_c           ? 
_cell.angle_alpha        ? 
_cell.angle_beta         ? 
_cell.angle_gamma        ? 
_cell.Z_PDB              1 
_cell.pdbx_unique_axis   ? 
# 
_exptl.entry_id          1FW5 
_exptl.method            'SOLUTION NMR' 
_exptl.crystals_number   ? 
# 
_exptl_crystal.id                    1 
_exptl_crystal.density_meas          ? 
_exptl_crystal.density_percent_sol   ? 
_exptl_crystal.density_Matthews      ? 
_exptl_crystal.description           ? 
# 
_diffrn.id                     1 
_diffrn.ambient_temp           ? 
_diffrn.ambient_temp_details   ? 
_diffrn.crystal_id             1 
# 
_diffrn_radiation.diffrn_id                        1 
_diffrn_radiation.wavelength_id                    1 
_diffrn_radiation.monochromator                    ? 
_diffrn_radiation.pdbx_monochromatic_or_laue_m_l   M 
_diffrn_radiation.pdbx_diffrn_protocol             'SINGLE WAVELENGTH' 
_diffrn_radiation.pdbx_scattering_type             ? 
# 
_diffrn_radiation_wavelength.id           1 
_diffrn_radiation_wavelength.wavelength   . 
_diffrn_radiation_wavelength.wt           1.0 
# 
_struct.entry_id                  1FW5 
_struct.title                     'SOLUTION STRUCTURE OF MEMBRANE BINDING PEPTIDE OF SEMLIKI FOREST VIRUS MRNA CAPPING ENZYME NSP1' 
_struct.pdbx_model_details        ? 
_struct.pdbx_CASP_flag            ? 
_struct.pdbx_model_type_details   ? 
# 
_struct_keywords.entry_id        1FW5 
_struct_keywords.pdbx_keywords   'VIRAL PROTEIN' 
_struct_keywords.text            'viral protein' 
# 
_struct_asym.id                            A 
_struct_asym.pdbx_blank_PDB_chainid_flag   N 
_struct_asym.pdbx_modified                 N 
_struct_asym.entity_id                     1 
_struct_asym.details                       ? 
# 
_struct_ref.id                         1 
_struct_ref.db_code                    POLN_SFV 
_struct_ref.db_name                    UNP 
_struct_ref.entity_id                  1 
_struct_ref.pdbx_db_accession          P08411 
_struct_ref.pdbx_align_begin           245 
_struct_ref.pdbx_seq_one_letter_code   GSTLYTESRKLLRSWHLPSV 
_struct_ref.pdbx_db_isoform            ? 
# 
_struct_ref_seq.align_id                      1 
_struct_ref_seq.ref_id                        1 
_struct_ref_seq.pdbx_PDB_id_code              1FW5 
_struct_ref_seq.pdbx_strand_id                A 
_struct_ref_seq.seq_align_beg                 1 
_struct_ref_seq.pdbx_seq_align_beg_ins_code   ? 
_struct_ref_seq.seq_align_end                 20 
_struct_ref_seq.pdbx_seq_align_end_ins_code   ? 
_struct_ref_seq.pdbx_db_accession             P08411 
_struct_ref_seq.db_align_beg                  245 
_struct_ref_seq.pdbx_db_align_beg_ins_code    ? 
_struct_ref_seq.db_align_end                  264 
_struct_ref_seq.pdbx_db_align_end_ins_code    ? 
_struct_ref_seq.pdbx_auth_seq_align_beg       1 
_struct_ref_seq.pdbx_auth_seq_align_end       20 
# 
_pdbx_struct_assembly.id                   1 
_pdbx_struct_assembly.details              author_defined_assembly 
_pdbx_struct_assembly.method_details       ? 
_pdbx_struct_assembly.oligomeric_details   monomeric 
_pdbx_struct_assembly.oligomeric_count     1 
# 
_pdbx_struct_assembly_gen.assembly_id       1 
_pdbx_struct_assembly_gen.oper_expression   1 
_pdbx_struct_assembly_gen.asym_id_list      A 
# 
_pdbx_struct_oper_list.id                   1 
_pdbx_struct_oper_list.type                 'identity operation' 
_pdbx_struct_oper_list.name                 1_555 
_pdbx_struct_oper_list.symmetry_operation   x,y,z 
_pdbx_struct_oper_list.matrix[1][1]         1.0000000000 
_pdbx_struct_oper_list.matrix[1][2]         0.0000000000 
_pdbx_struct_oper_list.matrix[1][3]         0.0000000000 
_pdbx_struct_oper_list.vector[1]            0.0000000000 
_pdbx_struct_oper_list.matrix[2][1]         0.0000000000 
_pdbx_struct_oper_list.matrix[2][2]         1.0000000000 
_pdbx_struct_oper_list.matrix[2][3]         0.0000000000 
_pdbx_struct_oper_list.vector[2]            0.0000000000 
_pdbx_struct_oper_list.matrix[3][1]         0.0000000000 
_pdbx_struct_oper_list.matrix[3][2]         0.0000000000 
_pdbx_struct_oper_list.matrix[3][3]         1.0000000000 
_pdbx_struct_oper_list.vector[3]            0.0000000000 
# 
_struct_biol.id   1 
# 
_struct_conf.conf_type_id            HELX_P 
_struct_conf.id                      HELX_P1 
_struct_conf.pdbx_PDB_helix_id       1 
_struct_conf.beg_label_comp_id       GLY 
_struct_conf.beg_label_asym_id       A 
_struct_conf.beg_label_seq_id        1 
_struct_conf.pdbx_beg_PDB_ins_code   ? 
_struct_conf.end_label_comp_id       HIS 
_struct_conf.end_label_asym_id       A 
_struct_conf.end_label_seq_id        16 
_struct_conf.pdbx_end_PDB_ins_code   ? 
_struct_conf.beg_auth_comp_id        GLY 
_struct_conf.beg_auth_asym_id        A 
_struct_conf.beg_auth_seq_id         1 
_struct_conf.end_auth_comp_id        HIS 
_struct_conf.end_auth_asym_id        A 
_struct_conf.end_auth_seq_id         16 
_struct_conf.pdbx_PDB_helix_class    1 
_struct_conf.details                 ? 
_struct_conf.pdbx_PDB_helix_length   16 
# 
_struct_conf_type.id          HELX_P 
_struct_conf_type.criteria    ? 
_struct_conf_type.reference   ? 
# 
loop_
_pdbx_validate_close_contact.id 
_pdbx_validate_close_contact.PDB_model_num 
_pdbx_validate_close_contact.auth_atom_id_1 
_pdbx_validate_close_contact.auth_asym_id_1 
_pdbx_validate_close_contact.auth_comp_id_1 
_pdbx_validate_close_contact.auth_seq_id_1 
_pdbx_validate_close_contact.PDB_ins_code_1 
_pdbx_validate_close_contact.label_alt_id_1 
_pdbx_validate_close_contact.auth_atom_id_2 
_pdbx_validate_close_contact.auth_asym_id_2 
_pdbx_validate_close_contact.auth_comp_id_2 
_pdbx_validate_close_contact.auth_seq_id_2 
_pdbx_validate_close_contact.PDB_ins_code_2 
_pdbx_validate_close_contact.label_alt_id_2 
_pdbx_validate_close_contact.dist 
1 1 O A LEU 12 ? ? HD1 A HIS 16 ? ? 1.31 
2 1 O A SER 2  ? ? H   A THR 6  ? ? 1.48 
3 1 O A GLY 1  ? ? H   A TYR 5  ? ? 1.53 
4 1 O A LEU 12 ? ? ND1 A HIS 16 ? ? 2.03 
5 1 O A TRP 15 ? ? N   A LEU 17 ? ? 2.06 
# 
loop_
_pdbx_validate_torsion.id 
_pdbx_validate_torsion.PDB_model_num 
_pdbx_validate_torsion.auth_comp_id 
_pdbx_validate_torsion.auth_asym_id 
_pdbx_validate_torsion.auth_seq_id 
_pdbx_validate_torsion.PDB_ins_code 
_pdbx_validate_torsion.label_alt_id 
_pdbx_validate_torsion.phi 
_pdbx_validate_torsion.psi 
1 1 THR A 3  ? ? -26.87 -57.08 
2 1 HIS A 16 ? ? -38.87 -6.63  
3 1 LEU A 17 ? ? -10.27 -66.31 
# 
_pdbx_nmr_ensemble.entry_id                             1FW5 
_pdbx_nmr_ensemble.conformers_calculated_total_number   ? 
_pdbx_nmr_ensemble.conformers_submitted_total_number    1 
_pdbx_nmr_ensemble.conformer_selection_criteria         ? 
# 
loop_
_chem_comp_atom.comp_id 
_chem_comp_atom.atom_id 
_chem_comp_atom.type_symbol 
_chem_comp_atom.pdbx_aromatic_flag 
_chem_comp_atom.pdbx_stereo_config 
_chem_comp_atom.pdbx_ordinal 
ARG N    N N N 1   
ARG CA   C N S 2   
ARG C    C N N 3   
ARG O    O N N 4   
ARG CB   C N N 5   
ARG CG   C N N 6   
ARG CD   C N N 7   
ARG NE   N N N 8   
ARG CZ   C N N 9   
ARG NH1  N N N 10  
ARG NH2  N N N 11  
ARG OXT  O N N 12  
ARG H    H N N 13  
ARG H2   H N N 14  
ARG HA   H N N 15  
ARG HB2  H N N 16  
ARG HB3  H N N 17  
ARG HG2  H N N 18  
ARG HG3  H N N 19  
ARG HD2  H N N 20  
ARG HD3  H N N 21  
ARG HE   H N N 22  
ARG HH11 H N N 23  
ARG HH12 H N N 24  
ARG HH21 H N N 25  
ARG HH22 H N N 26  
ARG HXT  H N N 27  
GLU N    N N N 28  
GLU CA   C N S 29  
GLU C    C N N 30  
GLU O    O N N 31  
GLU CB   C N N 32  
GLU CG   C N N 33  
GLU CD   C N N 34  
GLU OE1  O N N 35  
GLU OE2  O N N 36  
GLU OXT  O N N 37  
GLU H    H N N 38  
GLU H2   H N N 39  
GLU HA   H N N 40  
GLU HB2  H N N 41  
GLU HB3  H N N 42  
GLU HG2  H N N 43  
GLU HG3  H N N 44  
GLU HE2  H N N 45  
GLU HXT  H N N 46  
GLY N    N N N 47  
GLY CA   C N N 48  
GLY C    C N N 49  
GLY O    O N N 50  
GLY OXT  O N N 51  
GLY H    H N N 52  
GLY H2   H N N 53  
GLY HA2  H N N 54  
GLY HA3  H N N 55  
GLY HXT  H N N 56  
HIS N    N N N 57  
HIS CA   C N S 58  
HIS C    C N N 59  
HIS O    O N N 60  
HIS CB   C N N 61  
HIS CG   C Y N 62  
HIS ND1  N Y N 63  
HIS CD2  C Y N 64  
HIS CE1  C Y N 65  
HIS NE2  N Y N 66  
HIS OXT  O N N 67  
HIS H    H N N 68  
HIS H2   H N N 69  
HIS HA   H N N 70  
HIS HB2  H N N 71  
HIS HB3  H N N 72  
HIS HD1  H N N 73  
HIS HD2  H N N 74  
HIS HE1  H N N 75  
HIS HE2  H N N 76  
HIS HXT  H N N 77  
LEU N    N N N 78  
LEU CA   C N S 79  
LEU C    C N N 80  
LEU O    O N N 81  
LEU CB   C N N 82  
LEU CG   C N N 83  
LEU CD1  C N N 84  
LEU CD2  C N N 85  
LEU OXT  O N N 86  
LEU H    H N N 87  
LEU H2   H N N 88  
LEU HA   H N N 89  
LEU HB2  H N N 90  
LEU HB3  H N N 91  
LEU HG   H N N 92  
LEU HD11 H N N 93  
LEU HD12 H N N 94  
LEU HD13 H N N 95  
LEU HD21 H N N 96  
LEU HD22 H N N 97  
LEU HD23 H N N 98  
LEU HXT  H N N 99  
LYS N    N N N 100 
LYS CA   C N S 101 
LYS C    C N N 102 
LYS O    O N N 103 
LYS CB   C N N 104 
LYS CG   C N N 105 
LYS CD   C N N 106 
LYS CE   C N N 107 
LYS NZ   N N N 108 
LYS OXT  O N N 109 
LYS H    H N N 110 
LYS H2   H N N 111 
LYS HA   H N N 112 
LYS HB2  H N N 113 
LYS HB3  H N N 114 
LYS HG2  H N N 115 
LYS HG3  H N N 116 
LYS HD2  H N N 117 
LYS HD3  H N N 118 
LYS HE2  H N N 119 
LYS HE3  H N N 120 
LYS HZ1  H N N 121 
LYS HZ2  H N N 122 
LYS HZ3  H N N 123 
LYS HXT  H N N 124 
PRO N    N N N 125 
PRO CA   C N S 126 
PRO C    C N N 127 
PRO O    O N N 128 
PRO CB   C N N 129 
PRO CG   C N N 130 
PRO CD   C N N 131 
PRO OXT  O N N 132 
PRO H    H N N 133 
PRO HA   H N N 134 
PRO HB2  H N N 135 
PRO HB3  H N N 136 
PRO HG2  H N N 137 
PRO HG3  H N N 138 
PRO HD2  H N N 139 
PRO HD3  H N N 140 
PRO HXT  H N N 141 
SER N    N N N 142 
SER CA   C N S 143 
SER C    C N N 144 
SER O    O N N 145 
SER CB   C N N 146 
SER OG   O N N 147 
SER OXT  O N N 148 
SER H    H N N 149 
SER H2   H N N 150 
SER HA   H N N 151 
SER HB2  H N N 152 
SER HB3  H N N 153 
SER HG   H N N 154 
SER HXT  H N N 155 
THR N    N N N 156 
THR CA   C N S 157 
THR C    C N N 158 
THR O    O N N 159 
THR CB   C N R 160 
THR OG1  O N N 161 
THR CG2  C N N 162 
THR OXT  O N N 163 
THR H    H N N 164 
THR H2   H N N 165 
THR HA   H N N 166 
THR HB   H N N 167 
THR HG1  H N N 168 
THR HG21 H N N 169 
THR HG22 H N N 170 
THR HG23 H N N 171 
THR HXT  H N N 172 
TRP N    N N N 173 
TRP CA   C N S 174 
TRP C    C N N 175 
TRP O    O N N 176 
TRP CB   C N N 177 
TRP CG   C Y N 178 
TRP CD1  C Y N 179 
TRP CD2  C Y N 180 
TRP NE1  N Y N 181 
TRP CE2  C Y N 182 
TRP CE3  C Y N 183 
TRP CZ2  C Y N 184 
TRP CZ3  C Y N 185 
TRP CH2  C Y N 186 
TRP OXT  O N N 187 
TRP H    H N N 188 
TRP H2   H N N 189 
TRP HA   H N N 190 
TRP HB2  H N N 191 
TRP HB3  H N N 192 
TRP HD1  H N N 193 
TRP HE1  H N N 194 
TRP HE3  H N N 195 
TRP HZ2  H N N 196 
TRP HZ3  H N N 197 
TRP HH2  H N N 198 
TRP HXT  H N N 199 
TYR N    N N N 200 
TYR CA   C N S 201 
TYR C    C N N 202 
TYR O    O N N 203 
TYR CB   C N N 204 
TYR CG   C Y N 205 
TYR CD1  C Y N 206 
TYR CD2  C Y N 207 
TYR CE1  C Y N 208 
TYR CE2  C Y N 209 
TYR CZ   C Y N 210 
TYR OH   O N N 211 
TYR OXT  O N N 212 
TYR H    H N N 213 
TYR H2   H N N 214 
TYR HA   H N N 215 
TYR HB2  H N N 216 
TYR HB3  H N N 217 
TYR HD1  H N N 218 
TYR HD2  H N N 219 
TYR HE1  H N N 220 
TYR HE2  H N N 221 
TYR HH   H N N 222 
TYR HXT  H N N 223 
VAL N    N N N 224 
VAL CA   C N S 225 
VAL C    C N N 226 
VAL O    O N N 227 
VAL CB   C N N 228 
VAL CG1  C N N 229 
VAL CG2  C N N 230 
VAL OXT  O N N 231 
VAL H    H N N 232 
VAL H2   H N N 233 
VAL HA   H N N 234 
VAL HB   H N N 235 
VAL HG11 H N N 236 
VAL HG12 H N N 237 
VAL HG13 H N N 238 
VAL HG21 H N N 239 
VAL HG22 H N N 240 
VAL HG23 H N N 241 
VAL HXT  H N N 242 
# 
loop_
_chem_comp_bond.comp_id 
_chem_comp_bond.atom_id_1 
_chem_comp_bond.atom_id_2 
_chem_comp_bond.value_order 
_chem_comp_bond.pdbx_aromatic_flag 
_chem_comp_bond.pdbx_stereo_config 
_chem_comp_bond.pdbx_ordinal 
ARG N   CA   sing N N 1   
ARG N   H    sing N N 2   
ARG N   H2   sing N N 3   
ARG CA  C    sing N N 4   
ARG CA  CB   sing N N 5   
ARG CA  HA   sing N N 6   
ARG C   O    doub N N 7   
ARG C   OXT  sing N N 8   
ARG CB  CG   sing N N 9   
ARG CB  HB2  sing N N 10  
ARG CB  HB3  sing N N 11  
ARG CG  CD   sing N N 12  
ARG CG  HG2  sing N N 13  
ARG CG  HG3  sing N N 14  
ARG CD  NE   sing N N 15  
ARG CD  HD2  sing N N 16  
ARG CD  HD3  sing N N 17  
ARG NE  CZ   sing N N 18  
ARG NE  HE   sing N N 19  
ARG CZ  NH1  sing N N 20  
ARG CZ  NH2  doub N N 21  
ARG NH1 HH11 sing N N 22  
ARG NH1 HH12 sing N N 23  
ARG NH2 HH21 sing N N 24  
ARG NH2 HH22 sing N N 25  
ARG OXT HXT  sing N N 26  
GLU N   CA   sing N N 27  
GLU N   H    sing N N 28  
GLU N   H2   sing N N 29  
GLU CA  C    sing N N 30  
GLU CA  CB   sing N N 31  
GLU CA  HA   sing N N 32  
GLU C   O    doub N N 33  
GLU C   OXT  sing N N 34  
GLU CB  CG   sing N N 35  
GLU CB  HB2  sing N N 36  
GLU CB  HB3  sing N N 37  
GLU CG  CD   sing N N 38  
GLU CG  HG2  sing N N 39  
GLU CG  HG3  sing N N 40  
GLU CD  OE1  doub N N 41  
GLU CD  OE2  sing N N 42  
GLU OE2 HE2  sing N N 43  
GLU OXT HXT  sing N N 44  
GLY N   CA   sing N N 45  
GLY N   H    sing N N 46  
GLY N   H2   sing N N 47  
GLY CA  C    sing N N 48  
GLY CA  HA2  sing N N 49  
GLY CA  HA3  sing N N 50  
GLY C   O    doub N N 51  
GLY C   OXT  sing N N 52  
GLY OXT HXT  sing N N 53  
HIS N   CA   sing N N 54  
HIS N   H    sing N N 55  
HIS N   H2   sing N N 56  
HIS CA  C    sing N N 57  
HIS CA  CB   sing N N 58  
HIS CA  HA   sing N N 59  
HIS C   O    doub N N 60  
HIS C   OXT  sing N N 61  
HIS CB  CG   sing N N 62  
HIS CB  HB2  sing N N 63  
HIS CB  HB3  sing N N 64  
HIS CG  ND1  sing Y N 65  
HIS CG  CD2  doub Y N 66  
HIS ND1 CE1  doub Y N 67  
HIS ND1 HD1  sing N N 68  
HIS CD2 NE2  sing Y N 69  
HIS CD2 HD2  sing N N 70  
HIS CE1 NE2  sing Y N 71  
HIS CE1 HE1  sing N N 72  
HIS NE2 HE2  sing N N 73  
HIS OXT HXT  sing N N 74  
LEU N   CA   sing N N 75  
LEU N   H    sing N N 76  
LEU N   H2   sing N N 77  
LEU CA  C    sing N N 78  
LEU CA  CB   sing N N 79  
LEU CA  HA   sing N N 80  
LEU C   O    doub N N 81  
LEU C   OXT  sing N N 82  
LEU CB  CG   sing N N 83  
LEU CB  HB2  sing N N 84  
LEU CB  HB3  sing N N 85  
LEU CG  CD1  sing N N 86  
LEU CG  CD2  sing N N 87  
LEU CG  HG   sing N N 88  
LEU CD1 HD11 sing N N 89  
LEU CD1 HD12 sing N N 90  
LEU CD1 HD13 sing N N 91  
LEU CD2 HD21 sing N N 92  
LEU CD2 HD22 sing N N 93  
LEU CD2 HD23 sing N N 94  
LEU OXT HXT  sing N N 95  
LYS N   CA   sing N N 96  
LYS N   H    sing N N 97  
LYS N   H2   sing N N 98  
LYS CA  C    sing N N 99  
LYS CA  CB   sing N N 100 
LYS CA  HA   sing N N 101 
LYS C   O    doub N N 102 
LYS C   OXT  sing N N 103 
LYS CB  CG   sing N N 104 
LYS CB  HB2  sing N N 105 
LYS CB  HB3  sing N N 106 
LYS CG  CD   sing N N 107 
LYS CG  HG2  sing N N 108 
LYS CG  HG3  sing N N 109 
LYS CD  CE   sing N N 110 
LYS CD  HD2  sing N N 111 
LYS CD  HD3  sing N N 112 
LYS CE  NZ   sing N N 113 
LYS CE  HE2  sing N N 114 
LYS CE  HE3  sing N N 115 
LYS NZ  HZ1  sing N N 116 
LYS NZ  HZ2  sing N N 117 
LYS NZ  HZ3  sing N N 118 
LYS OXT HXT  sing N N 119 
PRO N   CA   sing N N 120 
PRO N   CD   sing N N 121 
PRO N   H    sing N N 122 
PRO CA  C    sing N N 123 
PRO CA  CB   sing N N 124 
PRO CA  HA   sing N N 125 
PRO C   O    doub N N 126 
PRO C   OXT  sing N N 127 
PRO CB  CG   sing N N 128 
PRO CB  HB2  sing N N 129 
PRO CB  HB3  sing N N 130 
PRO CG  CD   sing N N 131 
PRO CG  HG2  sing N N 132 
PRO CG  HG3  sing N N 133 
PRO CD  HD2  sing N N 134 
PRO CD  HD3  sing N N 135 
PRO OXT HXT  sing N N 136 
SER N   CA   sing N N 137 
SER N   H    sing N N 138 
SER N   H2   sing N N 139 
SER CA  C    sing N N 140 
SER CA  CB   sing N N 141 
SER CA  HA   sing N N 142 
SER C   O    doub N N 143 
SER C   OXT  sing N N 144 
SER CB  OG   sing N N 145 
SER CB  HB2  sing N N 146 
SER CB  HB3  sing N N 147 
SER OG  HG   sing N N 148 
SER OXT HXT  sing N N 149 
THR N   CA   sing N N 150 
THR N   H    sing N N 151 
THR N   H2   sing N N 152 
THR CA  C    sing N N 153 
THR CA  CB   sing N N 154 
THR CA  HA   sing N N 155 
THR C   O    doub N N 156 
THR C   OXT  sing N N 157 
THR CB  OG1  sing N N 158 
THR CB  CG2  sing N N 159 
THR CB  HB   sing N N 160 
THR OG1 HG1  sing N N 161 
THR CG2 HG21 sing N N 162 
THR CG2 HG22 sing N N 163 
THR CG2 HG23 sing N N 164 
THR OXT HXT  sing N N 165 
TRP N   CA   sing N N 166 
TRP N   H    sing N N 167 
TRP N   H2   sing N N 168 
TRP CA  C    sing N N 169 
TRP CA  CB   sing N N 170 
TRP CA  HA   sing N N 171 
TRP C   O    doub N N 172 
TRP C   OXT  sing N N 173 
TRP CB  CG   sing N N 174 
TRP CB  HB2  sing N N 175 
TRP CB  HB3  sing N N 176 
TRP CG  CD1  doub Y N 177 
TRP CG  CD2  sing Y N 178 
TRP CD1 NE1  sing Y N 179 
TRP CD1 HD1  sing N N 180 
TRP CD2 CE2  doub Y N 181 
TRP CD2 CE3  sing Y N 182 
TRP NE1 CE2  sing Y N 183 
TRP NE1 HE1  sing N N 184 
TRP CE2 CZ2  sing Y N 185 
TRP CE3 CZ3  doub Y N 186 
TRP CE3 HE3  sing N N 187 
TRP CZ2 CH2  doub Y N 188 
TRP CZ2 HZ2  sing N N 189 
TRP CZ3 CH2  sing Y N 190 
TRP CZ3 HZ3  sing N N 191 
TRP CH2 HH2  sing N N 192 
TRP OXT HXT  sing N N 193 
TYR N   CA   sing N N 194 
TYR N   H    sing N N 195 
TYR N   H2   sing N N 196 
TYR CA  C    sing N N 197 
TYR CA  CB   sing N N 198 
TYR CA  HA   sing N N 199 
TYR C   O    doub N N 200 
TYR C   OXT  sing N N 201 
TYR CB  CG   sing N N 202 
TYR CB  HB2  sing N N 203 
TYR CB  HB3  sing N N 204 
TYR CG  CD1  doub Y N 205 
TYR CG  CD2  sing Y N 206 
TYR CD1 CE1  sing Y N 207 
TYR CD1 HD1  sing N N 208 
TYR CD2 CE2  doub Y N 209 
TYR CD2 HD2  sing N N 210 
TYR CE1 CZ   doub Y N 211 
TYR CE1 HE1  sing N N 212 
TYR CE2 CZ   sing Y N 213 
TYR CE2 HE2  sing N N 214 
TYR CZ  OH   sing N N 215 
TYR OH  HH   sing N N 216 
TYR OXT HXT  sing N N 217 
VAL N   CA   sing N N 218 
VAL N   H    sing N N 219 
VAL N   H2   sing N N 220 
VAL CA  C    sing N N 221 
VAL CA  CB   sing N N 222 
VAL CA  HA   sing N N 223 
VAL C   O    doub N N 224 
VAL C   OXT  sing N N 225 
VAL CB  CG1  sing N N 226 
VAL CB  CG2  sing N N 227 
VAL CB  HB   sing N N 228 
VAL CG1 HG11 sing N N 229 
VAL CG1 HG12 sing N N 230 
VAL CG1 HG13 sing N N 231 
VAL CG2 HG21 sing N N 232 
VAL CG2 HG22 sing N N 233 
VAL CG2 HG23 sing N N 234 
VAL OXT HXT  sing N N 235 
# 
_atom_sites.entry_id                    1FW5 
_atom_sites.fract_transf_matrix[1][1]   1.000000 
_atom_sites.fract_transf_matrix[1][2]   0.000000 
_atom_sites.fract_transf_matrix[1][3]   0.000000 
_atom_sites.fract_transf_matrix[2][1]   0.000000 
_atom_sites.fract_transf_matrix[2][2]   1.000000 
_atom_sites.fract_transf_matrix[2][3]   0.000000 
_atom_sites.fract_transf_matrix[3][1]   0.000000 
_atom_sites.fract_transf_matrix[3][2]   0.000000 
_atom_sites.fract_transf_matrix[3][3]   1.000000 
_atom_sites.fract_transf_vector[1]      0.00000 
_atom_sites.fract_transf_vector[2]      0.00000 
_atom_sites.fract_transf_vector[3]      0.00000 
# 
loop_
_atom_type.symbol 
C 
H 
N 
O 
# 
loop_
_atom_site.group_PDB 
_atom_site.id 
_atom_site.type_symbol 
_atom_site.label_atom_id 
_atom_site.label_alt_id 
_atom_site.label_comp_id 
_atom_site.label_asym_id 
_atom_site.label_entity_id 
_atom_site.label_seq_id 
_atom_site.pdbx_PDB_ins_code 
_atom_site.Cartn_x 
_atom_site.Cartn_y 
_atom_site.Cartn_z 
_atom_site.occupancy 
_atom_site.B_iso_or_equiv 
_atom_site.pdbx_formal_charge 
_atom_site.auth_seq_id 
_atom_site.auth_comp_id 
_atom_site.auth_asym_id 
_atom_site.auth_atom_id 
_atom_site.pdbx_PDB_model_num 
ATOM 1   N N    . GLY A 1 1  ? -10.462 8.212   1.000  1.00 0.00 ? 1  GLY A N    1 
ATOM 2   C CA   . GLY A 1 1  ? -9.916  9.380   0.330  1.00 0.00 ? 1  GLY A CA   1 
ATOM 3   C C    . GLY A 1 1  ? -8.468  9.139   -0.101 1.00 0.00 ? 1  GLY A C    1 
ATOM 4   O O    . GLY A 1 1  ? -7.631  8.750   0.713  1.00 0.00 ? 1  GLY A O    1 
ATOM 5   H H    . GLY A 1 1  ? -11.206 8.402   1.641  1.00 0.00 ? 1  GLY A H    1 
ATOM 6   H HA2  . GLY A 1 1  ? -10.523 9.620   -0.543 1.00 0.00 ? 1  GLY A HA2  1 
ATOM 7   H HA3  . GLY A 1 1  ? -9.962  10.241  0.997  1.00 0.00 ? 1  GLY A HA3  1 
ATOM 8   N N    . SER A 1 2  ? -8.217  9.379   -1.379 1.00 0.00 ? 2  SER A N    1 
ATOM 9   C CA   . SER A 1 2  ? -6.884  9.192   -1.927 1.00 0.00 ? 2  SER A CA   1 
ATOM 10  C C    . SER A 1 2  ? -5.831  9.539   -0.874 1.00 0.00 ? 2  SER A C    1 
ATOM 11  O O    . SER A 1 2  ? -5.087  8.669   -0.424 1.00 0.00 ? 2  SER A O    1 
ATOM 12  C CB   . SER A 1 2  ? -6.681  10.043  -3.182 1.00 0.00 ? 2  SER A CB   1 
ATOM 13  O OG   . SER A 1 2  ? -6.369  11.396  -2.864 1.00 0.00 ? 2  SER A OG   1 
ATOM 14  H H    . SER A 1 2  ? -8.903  9.694   -2.035 1.00 0.00 ? 2  SER A H    1 
ATOM 15  H HA   . SER A 1 2  ? -6.826  8.136   -2.192 1.00 0.00 ? 2  SER A HA   1 
ATOM 16  H HB2  . SER A 1 2  ? -5.877  9.617   -3.783 1.00 0.00 ? 2  SER A HB2  1 
ATOM 17  H HB3  . SER A 1 2  ? -7.583  10.013  -3.792 1.00 0.00 ? 2  SER A HB3  1 
ATOM 18  H HG   . SER A 1 2  ? -6.092  11.887  -3.690 1.00 0.00 ? 2  SER A HG   1 
ATOM 19  N N    . THR A 1 3  ? -5.801  10.814  -0.511 1.00 0.00 ? 3  THR A N    1 
ATOM 20  C CA   . THR A 1 3  ? -4.852  11.287  0.482  1.00 0.00 ? 3  THR A CA   1 
ATOM 21  C C    . THR A 1 3  ? -4.464  10.152  1.433  1.00 0.00 ? 3  THR A C    1 
ATOM 22  O O    . THR A 1 3  ? -3.286  9.828   1.570  1.00 0.00 ? 3  THR A O    1 
ATOM 23  C CB   . THR A 1 3  ? -5.472  12.490  1.194  1.00 0.00 ? 3  THR A CB   1 
ATOM 24  O OG1  . THR A 1 3  ? -4.899  12.457  2.498  1.00 0.00 ? 3  THR A OG1  1 
ATOM 25  C CG2  . THR A 1 3  ? -6.973  12.315  1.441  1.00 0.00 ? 3  THR A CG2  1 
ATOM 26  H H    . THR A 1 3  ? -6.410  11.515  -0.881 1.00 0.00 ? 3  THR A H    1 
ATOM 27  H HA   . THR A 1 3  ? -3.943  11.598  -0.032 1.00 0.00 ? 3  THR A HA   1 
ATOM 28  H HB   . THR A 1 3  ? -5.273  13.412  0.646  1.00 0.00 ? 3  THR A HB   1 
ATOM 29  H HG1  . THR A 1 3  ? -3.915  12.624  2.443  1.00 0.00 ? 3  THR A HG1  1 
ATOM 30  H HG21 . THR A 1 3  ? -7.264  11.294  1.197  1.00 0.00 ? 3  THR A HG21 1 
ATOM 31  H HG22 . THR A 1 3  ? -7.194  12.516  2.489  1.00 0.00 ? 3  THR A HG22 1 
ATOM 32  H HG23 . THR A 1 3  ? -7.528  13.012  0.812  1.00 0.00 ? 3  THR A HG23 1 
ATOM 33  N N    . LEU A 1 4  ? -5.478  9.581   2.066  1.00 0.00 ? 4  LEU A N    1 
ATOM 34  C CA   . LEU A 1 4  ? -5.258  8.490   3.000  1.00 0.00 ? 4  LEU A CA   1 
ATOM 35  C C    . LEU A 1 4  ? -5.221  7.167   2.232  1.00 0.00 ? 4  LEU A C    1 
ATOM 36  O O    . LEU A 1 4  ? -4.645  6.187   2.704  1.00 0.00 ? 4  LEU A O    1 
ATOM 37  C CB   . LEU A 1 4  ? -6.303  8.523   4.118  1.00 0.00 ? 4  LEU A CB   1 
ATOM 38  C CG   . LEU A 1 4  ? -6.197  9.691   5.100  1.00 0.00 ? 4  LEU A CG   1 
ATOM 39  C CD1  . LEU A 1 4  ? -5.252  9.353   6.255  1.00 0.00 ? 4  LEU A CD1  1 
ATOM 40  C CD2  . LEU A 1 4  ? -5.785  10.977  4.380  1.00 0.00 ? 4  LEU A CD2  1 
ATOM 41  H H    . LEU A 1 4  ? -6.434  9.851   1.949  1.00 0.00 ? 4  LEU A H    1 
ATOM 42  H HA   . LEU A 1 4  ? -4.284  8.648   3.463  1.00 0.00 ? 4  LEU A HA   1 
ATOM 43  H HB2  . LEU A 1 4  ? -7.292  8.546   3.662  1.00 0.00 ? 4  LEU A HB2  1 
ATOM 44  H HB3  . LEU A 1 4  ? -6.232  7.593   4.681  1.00 0.00 ? 4  LEU A HB3  1 
ATOM 45  H HG   . LEU A 1 4  ? -7.183  9.866   5.531  1.00 0.00 ? 4  LEU A HG   1 
ATOM 46  H HD11 . LEU A 1 4  ? -5.514  9.954   7.125  1.00 0.00 ? 4  LEU A HD11 1 
ATOM 47  H HD12 . LEU A 1 4  ? -5.345  8.296   6.502  1.00 0.00 ? 4  LEU A HD12 1 
ATOM 48  H HD13 . LEU A 1 4  ? -4.225  9.568   5.959  1.00 0.00 ? 4  LEU A HD13 1 
ATOM 49  H HD21 . LEU A 1 4  ? -5.943  11.830  5.041  1.00 0.00 ? 4  LEU A HD21 1 
ATOM 50  H HD22 . LEU A 1 4  ? -4.731  10.919  4.108  1.00 0.00 ? 4  LEU A HD22 1 
ATOM 51  H HD23 . LEU A 1 4  ? -6.387  11.099  3.479  1.00 0.00 ? 4  LEU A HD23 1 
ATOM 52  N N    . TYR A 1 5  ? -5.841  7.181   1.061  1.00 0.00 ? 5  TYR A N    1 
ATOM 53  C CA   . TYR A 1 5  ? -5.885  5.995   0.224  1.00 0.00 ? 5  TYR A CA   1 
ATOM 54  C C    . TYR A 1 5  ? -4.492  5.640   -0.299 1.00 0.00 ? 5  TYR A C    1 
ATOM 55  O O    . TYR A 1 5  ? -4.103  4.473   -0.298 1.00 0.00 ? 5  TYR A O    1 
ATOM 56  C CB   . TYR A 1 5  ? -6.787  6.348   -0.961 1.00 0.00 ? 5  TYR A CB   1 
ATOM 57  C CG   . TYR A 1 5  ? -6.134  6.129   -2.327 1.00 0.00 ? 5  TYR A CG   1 
ATOM 58  C CD1  . TYR A 1 5  ? -5.219  7.043   -2.809 1.00 0.00 ? 5  TYR A CD1  1 
ATOM 59  C CD2  . TYR A 1 5  ? -6.459  5.018   -3.078 1.00 0.00 ? 5  TYR A CD2  1 
ATOM 60  C CE1  . TYR A 1 5  ? -4.605  6.837   -4.095 1.00 0.00 ? 5  TYR A CE1  1 
ATOM 61  C CE2  . TYR A 1 5  ? -5.846  4.812   -4.363 1.00 0.00 ? 5  TYR A CE2  1 
ATOM 62  C CZ   . TYR A 1 5  ? -4.948  5.732   -4.809 1.00 0.00 ? 5  TYR A CZ   1 
ATOM 63  O OH   . TYR A 1 5  ? -4.367  5.537   -6.023 1.00 0.00 ? 5  TYR A OH   1 
ATOM 64  H H    . TYR A 1 5  ? -6.306  7.982   0.684  1.00 0.00 ? 5  TYR A H    1 
ATOM 65  H HA   . TYR A 1 5  ? -6.259  5.169   0.829  1.00 0.00 ? 5  TYR A HA   1 
ATOM 66  H HB2  . TYR A 1 5  ? -7.696  5.749   -0.904 1.00 0.00 ? 5  TYR A HB2  1 
ATOM 67  H HB3  . TYR A 1 5  ? -7.088  7.392   -0.876 1.00 0.00 ? 5  TYR A HB3  1 
ATOM 68  H HD1  . TYR A 1 5  ? -4.962  7.921   -2.216 1.00 0.00 ? 5  TYR A HD1  1 
ATOM 69  H HD2  . TYR A 1 5  ? -7.182  4.296   -2.697 1.00 0.00 ? 5  TYR A HD2  1 
ATOM 70  H HE1  . TYR A 1 5  ? -3.880  7.551   -4.487 1.00 0.00 ? 5  TYR A HE1  1 
ATOM 71  H HE2  . TYR A 1 5  ? -6.094  3.939   -4.966 1.00 0.00 ? 5  TYR A HE2  1 
ATOM 72  H HH   . TYR A 1 5  ? -5.030  5.714   -6.751 1.00 0.00 ? 5  TYR A HH   1 
ATOM 73  N N    . THR A 1 6  ? -3.779  6.668   -0.734 1.00 0.00 ? 6  THR A N    1 
ATOM 74  C CA   . THR A 1 6  ? -2.436  6.480   -1.259 1.00 0.00 ? 6  THR A CA   1 
ATOM 75  C C    . THR A 1 6  ? -1.499  5.978   -0.159 1.00 0.00 ? 6  THR A C    1 
ATOM 76  O O    . THR A 1 6  ? -0.705  5.067   -0.384 1.00 0.00 ? 6  THR A O    1 
ATOM 77  C CB   . THR A 1 6  ? -1.985  7.801   -1.886 1.00 0.00 ? 6  THR A CB   1 
ATOM 78  O OG1  . THR A 1 6  ? -2.108  7.578   -3.289 1.00 0.00 ? 6  THR A OG1  1 
ATOM 79  C CG2  . THR A 1 6  ? -0.492  8.066   -1.682 1.00 0.00 ? 6  THR A CG2  1 
ATOM 80  H H    . THR A 1 6  ? -4.102  7.614   -0.732 1.00 0.00 ? 6  THR A H    1 
ATOM 81  H HA   . THR A 1 6  ? -2.473  5.706   -2.025 1.00 0.00 ? 6  THR A HA   1 
ATOM 82  H HB   . THR A 1 6  ? -2.583  8.632   -1.515 1.00 0.00 ? 6  THR A HB   1 
ATOM 83  H HG1  . THR A 1 6  ? -1.691  8.334   -3.793 1.00 0.00 ? 6  THR A HG1  1 
ATOM 84  H HG21 . THR A 1 6  ? -0.245  9.061   -2.052 1.00 0.00 ? 6  THR A HG21 1 
ATOM 85  H HG22 . THR A 1 6  ? -0.255  8.004   -0.620 1.00 0.00 ? 6  THR A HG22 1 
ATOM 86  H HG23 . THR A 1 6  ? 0.087   7.321   -2.227 1.00 0.00 ? 6  THR A HG23 1 
ATOM 87  N N    . GLU A 1 7  ? -1.622  6.596   1.007  1.00 0.00 ? 7  GLU A N    1 
ATOM 88  C CA   . GLU A 1 7  ? -0.796  6.223   2.143  1.00 0.00 ? 7  GLU A CA   1 
ATOM 89  C C    . GLU A 1 7  ? -0.985  4.741   2.472  1.00 0.00 ? 7  GLU A C    1 
ATOM 90  O O    . GLU A 1 7  ? -0.012  4.023   2.698  1.00 0.00 ? 7  GLU A O    1 
ATOM 91  C CB   . GLU A 1 7  ? -1.108  7.099   3.357  1.00 0.00 ? 7  GLU A CB   1 
ATOM 92  C CG   . GLU A 1 7  ? -1.378  8.545   2.937  1.00 0.00 ? 7  GLU A CG   1 
ATOM 93  C CD   . GLU A 1 7  ? -0.398  9.505   3.613  1.00 0.00 ? 7  GLU A CD   1 
ATOM 94  O OE1  . GLU A 1 7  ? -0.323  9.455   4.860  1.00 0.00 ? 7  GLU A OE1  1 
ATOM 95  O OE2  . GLU A 1 7  ? 0.254   10.268  2.868  1.00 0.00 ? 7  GLU A OE2  1 
ATOM 96  H H    . GLU A 1 7  ? -2.272  7.337   1.181  1.00 0.00 ? 7  GLU A H    1 
ATOM 97  H HA   . GLU A 1 7  ? 0.231   6.404   1.825  1.00 0.00 ? 7  GLU A HA   1 
ATOM 98  H HB2  . GLU A 1 7  ? -1.975  6.702   3.884  1.00 0.00 ? 7  GLU A HB2  1 
ATOM 99  H HB3  . GLU A 1 7  ? -0.270  7.070   4.055  1.00 0.00 ? 7  GLU A HB3  1 
ATOM 100 H HG2  . GLU A 1 7  ? -1.292  8.634   1.854  1.00 0.00 ? 7  GLU A HG2  1 
ATOM 101 H HG3  . GLU A 1 7  ? -2.400  8.818   3.198  1.00 0.00 ? 7  GLU A HG3  1 
ATOM 102 N N    . SER A 1 8  ? -2.243  4.326   2.488  1.00 0.00 ? 8  SER A N    1 
ATOM 103 C CA   . SER A 1 8  ? -2.571  2.943   2.787  1.00 0.00 ? 8  SER A CA   1 
ATOM 104 C C    . SER A 1 8  ? -1.966  2.021   1.726  1.00 0.00 ? 8  SER A C    1 
ATOM 105 O O    . SER A 1 8  ? -1.543  0.908   2.035  1.00 0.00 ? 8  SER A O    1 
ATOM 106 C CB   . SER A 1 8  ? -4.087  2.741   2.864  1.00 0.00 ? 8  SER A CB   1 
ATOM 107 O OG   . SER A 1 8  ? -4.429  1.484   3.444  1.00 0.00 ? 8  SER A OG   1 
ATOM 108 H H    . SER A 1 8  ? -3.029  4.916   2.303  1.00 0.00 ? 8  SER A H    1 
ATOM 109 H HA   . SER A 1 8  ? -2.129  2.745   3.762  1.00 0.00 ? 8  SER A HA   1 
ATOM 110 H HB2  . SER A 1 8  ? -4.531  3.544   3.451  1.00 0.00 ? 8  SER A HB2  1 
ATOM 111 H HB3  . SER A 1 8  ? -4.512  2.805   1.862  1.00 0.00 ? 8  SER A HB3  1 
ATOM 112 H HG   . SER A 1 8  ? -3.819  1.285   4.212  1.00 0.00 ? 8  SER A HG   1 
ATOM 113 N N    . ARG A 1 9  ? -1.945  2.518   0.498  1.00 0.00 ? 9  ARG A N    1 
ATOM 114 C CA   . ARG A 1 9  ? -1.399  1.753   -0.610 1.00 0.00 ? 9  ARG A CA   1 
ATOM 115 C C    . ARG A 1 9  ? 0.078   1.438   -0.360 1.00 0.00 ? 9  ARG A C    1 
ATOM 116 O O    . ARG A 1 9  ? 0.541   0.340   -0.662 1.00 0.00 ? 9  ARG A O    1 
ATOM 117 C CB   . ARG A 1 9  ? -1.534  2.519   -1.927 1.00 0.00 ? 9  ARG A CB   1 
ATOM 118 C CG   . ARG A 1 9  ? -2.223  1.662   -2.991 1.00 0.00 ? 9  ARG A CG   1 
ATOM 119 C CD   . ARG A 1 9  ? -3.606  2.221   -3.335 1.00 0.00 ? 9  ARG A CD   1 
ATOM 120 N NE   . ARG A 1 9  ? -3.843  2.122   -4.793 1.00 0.00 ? 9  ARG A NE   1 
ATOM 121 C CZ   . ARG A 1 9  ? -3.209  2.865   -5.710 1.00 0.00 ? 9  ARG A CZ   1 
ATOM 122 N NH1  . ARG A 1 9  ? -2.295  3.767   -5.326 1.00 0.00 ? 9  ARG A NH1  1 
ATOM 123 N NH2  . ARG A 1 9  ? -3.489  2.707   -7.010 1.00 0.00 ? 9  ARG A NH2  1 
ATOM 124 H H    . ARG A 1 9  ? -2.292  3.425   0.256  1.00 0.00 ? 9  ARG A H    1 
ATOM 125 H HA   . ARG A 1 9  ? -1.995  0.841   -0.640 1.00 0.00 ? 9  ARG A HA   1 
ATOM 126 H HB2  . ARG A 1 9  ? -2.105  3.432   -1.764 1.00 0.00 ? 9  ARG A HB2  1 
ATOM 127 H HB3  . ARG A 1 9  ? -0.547  2.820   -2.281 1.00 0.00 ? 9  ARG A HB3  1 
ATOM 128 H HG2  . ARG A 1 9  ? -1.607  1.625   -3.890 1.00 0.00 ? 9  ARG A HG2  1 
ATOM 129 H HG3  . ARG A 1 9  ? -2.322  0.638   -2.631 1.00 0.00 ? 9  ARG A HG3  1 
ATOM 130 H HD2  . ARG A 1 9  ? -4.374  1.671   -2.794 1.00 0.00 ? 9  ARG A HD2  1 
ATOM 131 H HD3  . ARG A 1 9  ? -3.675  3.261   -3.017 1.00 0.00 ? 9  ARG A HD3  1 
ATOM 132 H HE   . ARG A 1 9  ? -4.519  1.459   -5.113 1.00 0.00 ? 9  ARG A HE   1 
ATOM 133 H HH11 . ARG A 1 9  ? -2.086  3.885   -4.355 1.00 0.00 ? 9  ARG A HH11 1 
ATOM 134 H HH12 . ARG A 1 9  ? -1.821  4.322   -6.011 1.00 0.00 ? 9  ARG A HH12 1 
ATOM 135 H HH21 . ARG A 1 9  ? -4.170  2.034   -7.297 1.00 0.00 ? 9  ARG A HH21 1 
ATOM 136 H HH22 . ARG A 1 9  ? -3.016  3.262   -7.695 1.00 0.00 ? 9  ARG A HH22 1 
ATOM 137 N N    . LYS A 1 10 ? 0.775   2.422   0.189  1.00 0.00 ? 10 LYS A N    1 
ATOM 138 C CA   . LYS A 1 10 ? 2.189   2.263   0.483  1.00 0.00 ? 10 LYS A CA   1 
ATOM 139 C C    . LYS A 1 10 ? 2.366   1.178   1.546  1.00 0.00 ? 10 LYS A C    1 
ATOM 140 O O    . LYS A 1 10 ? 3.244   0.325   1.428  1.00 0.00 ? 10 LYS A O    1 
ATOM 141 C CB   . LYS A 1 10 ? 2.811   3.608   0.866  1.00 0.00 ? 10 LYS A CB   1 
ATOM 142 C CG   . LYS A 1 10 ? 3.726   4.125   -0.245 1.00 0.00 ? 10 LYS A CG   1 
ATOM 143 C CD   . LYS A 1 10 ? 4.943   3.216   -0.421 1.00 0.00 ? 10 LYS A CD   1 
ATOM 144 C CE   . LYS A 1 10 ? 5.456   3.258   -1.862 1.00 0.00 ? 10 LYS A CE   1 
ATOM 145 N NZ   . LYS A 1 10 ? 4.525   2.542   -2.764 1.00 0.00 ? 10 LYS A NZ   1 
ATOM 146 H H    . LYS A 1 10 ? 0.390   3.312   0.432  1.00 0.00 ? 10 LYS A H    1 
ATOM 147 H HA   . LYS A 1 10 ? 2.678   1.932   -0.434 1.00 0.00 ? 10 LYS A HA   1 
ATOM 148 H HB2  . LYS A 1 10 ? 2.023   4.335   1.062  1.00 0.00 ? 10 LYS A HB2  1 
ATOM 149 H HB3  . LYS A 1 10 ? 3.380   3.499   1.790  1.00 0.00 ? 10 LYS A HB3  1 
ATOM 150 H HG2  . LYS A 1 10 ? 3.171   4.181   -1.181 1.00 0.00 ? 10 LYS A HG2  1 
ATOM 151 H HG3  . LYS A 1 10 ? 4.055   5.137   -0.007 1.00 0.00 ? 10 LYS A HG3  1 
ATOM 152 H HD2  . LYS A 1 10 ? 5.736   3.527   0.260  1.00 0.00 ? 10 LYS A HD2  1 
ATOM 153 H HD3  . LYS A 1 10 ? 4.678   2.192   -0.155 1.00 0.00 ? 10 LYS A HD3  1 
ATOM 154 H HE2  . LYS A 1 10 ? 5.562   4.292   -2.186 1.00 0.00 ? 10 LYS A HE2  1 
ATOM 155 H HE3  . LYS A 1 10 ? 6.445   2.803   -1.916 1.00 0.00 ? 10 LYS A HE3  1 
ATOM 156 H HZ1  . LYS A 1 10 ? 4.438   3.049   -3.622 1.00 0.00 ? 10 LYS A HZ1  1 
ATOM 157 H HZ2  . LYS A 1 10 ? 4.880   1.627   -2.952 1.00 0.00 ? 10 LYS A HZ2  1 
ATOM 158 H HZ3  . LYS A 1 10 ? 3.628   2.469   -2.327 1.00 0.00 ? 10 LYS A HZ3  1 
ATOM 159 N N    . LEU A 1 11 ? 1.518   1.245   2.562  1.00 0.00 ? 11 LEU A N    1 
ATOM 160 C CA   . LEU A 1 11 ? 1.570   0.280   3.646  1.00 0.00 ? 11 LEU A CA   1 
ATOM 161 C C    . LEU A 1 11 ? 1.173   -1.099  3.114  1.00 0.00 ? 11 LEU A C    1 
ATOM 162 O O    . LEU A 1 11 ? 1.880   -2.081  3.335  1.00 0.00 ? 11 LEU A O    1 
ATOM 163 C CB   . LEU A 1 11 ? 0.718   0.752   4.826  1.00 0.00 ? 11 LEU A CB   1 
ATOM 164 C CG   . LEU A 1 11 ? 0.110   2.150   4.697  1.00 0.00 ? 11 LEU A CG   1 
ATOM 165 C CD1  . LEU A 1 11 ? -0.937  2.395   5.784  1.00 0.00 ? 11 LEU A CD1  1 
ATOM 166 C CD2  . LEU A 1 11 ? 1.201   3.224   4.701  1.00 0.00 ? 11 LEU A CD2  1 
ATOM 167 H H    . LEU A 1 11 ? 0.806   1.943   2.651  1.00 0.00 ? 11 LEU A H    1 
ATOM 168 H HA   . LEU A 1 11 ? 2.602   0.232   3.992  1.00 0.00 ? 11 LEU A HA   1 
ATOM 169 H HB2  . LEU A 1 11 ? -0.093  0.037   4.973  1.00 0.00 ? 11 LEU A HB2  1 
ATOM 170 H HB3  . LEU A 1 11 ? 1.333   0.725   5.726  1.00 0.00 ? 11 LEU A HB3  1 
ATOM 171 H HG   . LEU A 1 11 ? -0.401  2.214   3.737  1.00 0.00 ? 11 LEU A HG   1 
ATOM 172 H HD11 . LEU A 1 11 ? -0.542  2.078   6.750  1.00 0.00 ? 11 LEU A HD11 1 
ATOM 173 H HD12 . LEU A 1 11 ? -1.181  3.457   5.823  1.00 0.00 ? 11 LEU A HD12 1 
ATOM 174 H HD13 . LEU A 1 11 ? -1.838  1.824   5.556  1.00 0.00 ? 11 LEU A HD13 1 
ATOM 175 H HD21 . LEU A 1 11 ? 0.740   4.209   4.769  1.00 0.00 ? 11 LEU A HD21 1 
ATOM 176 H HD22 . LEU A 1 11 ? 1.859   3.070   5.556  1.00 0.00 ? 11 LEU A HD22 1 
ATOM 177 H HD23 . LEU A 1 11 ? 1.780   3.156   3.780  1.00 0.00 ? 11 LEU A HD23 1 
ATOM 178 N N    . LEU A 1 12 ? 0.043   -1.128  2.423  1.00 0.00 ? 12 LEU A N    1 
ATOM 179 C CA   . LEU A 1 12 ? -0.457  -2.371  1.858  1.00 0.00 ? 12 LEU A CA   1 
ATOM 180 C C    . LEU A 1 12 ? 0.592   -2.952  0.909  1.00 0.00 ? 12 LEU A C    1 
ATOM 181 O O    . LEU A 1 12 ? 0.969   -4.116  1.032  1.00 0.00 ? 12 LEU A O    1 
ATOM 182 C CB   . LEU A 1 12 ? -1.823  -2.151  1.204  1.00 0.00 ? 12 LEU A CB   1 
ATOM 183 C CG   . LEU A 1 12 ? -2.934  -3.110  1.633  1.00 0.00 ? 12 LEU A CG   1 
ATOM 184 C CD1  . LEU A 1 12 ? -3.261  -2.942  3.118  1.00 0.00 ? 12 LEU A CD1  1 
ATOM 185 C CD2  . LEU A 1 12 ? -4.173  -2.944  0.751  1.00 0.00 ? 12 LEU A CD2  1 
ATOM 186 H H    . LEU A 1 12 ? -0.527  -0.325  2.247  1.00 0.00 ? 12 LEU A H    1 
ATOM 187 H HA   . LEU A 1 12 ? -0.603  -3.069  2.682  1.00 0.00 ? 12 LEU A HA   1 
ATOM 188 H HB2  . LEU A 1 12 ? -2.147  -1.132  1.419  1.00 0.00 ? 12 LEU A HB2  1 
ATOM 189 H HB3  . LEU A 1 12 ? -1.703  -2.225  0.124  1.00 0.00 ? 12 LEU A HB3  1 
ATOM 190 H HG   . LEU A 1 12 ? -2.576  -4.131  1.496  1.00 0.00 ? 12 LEU A HG   1 
ATOM 191 H HD11 . LEU A 1 12 ? -4.278  -3.286  3.308  1.00 0.00 ? 12 LEU A HD11 1 
ATOM 192 H HD12 . LEU A 1 12 ? -2.562  -3.530  3.713  1.00 0.00 ? 12 LEU A HD12 1 
ATOM 193 H HD13 . LEU A 1 12 ? -3.175  -1.891  3.393  1.00 0.00 ? 12 LEU A HD13 1 
ATOM 194 H HD21 . LEU A 1 12 ? -4.639  -1.980  0.956  1.00 0.00 ? 12 LEU A HD21 1 
ATOM 195 H HD22 . LEU A 1 12 ? -3.882  -2.992  -0.298 1.00 0.00 ? 12 LEU A HD22 1 
ATOM 196 H HD23 . LEU A 1 12 ? -4.883  -3.742  0.968  1.00 0.00 ? 12 LEU A HD23 1 
ATOM 197 N N    . ARG A 1 13 ? 1.034   -2.115  -0.019 1.00 0.00 ? 13 ARG A N    1 
ATOM 198 C CA   . ARG A 1 13 ? 2.032   -2.532  -0.989 1.00 0.00 ? 13 ARG A CA   1 
ATOM 199 C C    . ARG A 1 13 ? 3.308   -2.985  -0.276 1.00 0.00 ? 13 ARG A C    1 
ATOM 200 O O    . ARG A 1 13 ? 4.130   -3.693  -0.857 1.00 0.00 ? 13 ARG A O    1 
ATOM 201 C CB   . ARG A 1 13 ? 2.372   -1.393  -1.953 1.00 0.00 ? 13 ARG A CB   1 
ATOM 202 C CG   . ARG A 1 13 ? 1.302   -1.256  -3.038 1.00 0.00 ? 13 ARG A CG   1 
ATOM 203 C CD   . ARG A 1 13 ? 1.864   -0.556  -4.277 1.00 0.00 ? 13 ARG A CD   1 
ATOM 204 N NE   . ARG A 1 13 ? 1.327   0.821   -4.367 1.00 0.00 ? 13 ARG A NE   1 
ATOM 205 C CZ   . ARG A 1 13 ? 1.605   1.672   -5.364 1.00 0.00 ? 13 ARG A CZ   1 
ATOM 206 N NH1  . ARG A 1 13 ? 2.416   1.294   -6.361 1.00 0.00 ? 13 ARG A NH1  1 
ATOM 207 N NH2  . ARG A 1 13 ? 1.072   2.901   -5.364 1.00 0.00 ? 13 ARG A NH2  1 
ATOM 208 H H    . ARG A 1 13 ? 0.722   -1.169  -0.113 1.00 0.00 ? 13 ARG A H    1 
ATOM 209 H HA   . ARG A 1 13 ? 1.569   -3.358  -1.528 1.00 0.00 ? 13 ARG A HA   1 
ATOM 210 H HB2  . ARG A 1 13 ? 2.457   -0.457  -1.401 1.00 0.00 ? 13 ARG A HB2  1 
ATOM 211 H HB3  . ARG A 1 13 ? 3.342   -1.581  -2.414 1.00 0.00 ? 13 ARG A HB3  1 
ATOM 212 H HG2  . ARG A 1 13 ? 0.929   -2.243  -3.313 1.00 0.00 ? 13 ARG A HG2  1 
ATOM 213 H HG3  . ARG A 1 13 ? 0.455   -0.692  -2.650 1.00 0.00 ? 13 ARG A HG3  1 
ATOM 214 H HD2  . ARG A 1 13 ? 2.952   -0.527  -4.226 1.00 0.00 ? 13 ARG A HD2  1 
ATOM 215 H HD3  . ARG A 1 13 ? 1.601   -1.117  -5.174 1.00 0.00 ? 13 ARG A HD3  1 
ATOM 216 H HE   . ARG A 1 13 ? 0.718   1.135   -3.639 1.00 0.00 ? 13 ARG A HE   1 
ATOM 217 H HH11 . ARG A 1 13 ? 2.814   0.376   -6.362 1.00 0.00 ? 13 ARG A HH11 1 
ATOM 218 H HH12 . ARG A 1 13 ? 2.623   1.929   -7.105 1.00 0.00 ? 13 ARG A HH12 1 
ATOM 219 H HH21 . ARG A 1 13 ? 0.467   3.184   -4.619 1.00 0.00 ? 13 ARG A HH21 1 
ATOM 220 H HH22 . ARG A 1 13 ? 1.280   3.537   -6.107 1.00 0.00 ? 13 ARG A HH22 1 
ATOM 221 N N    . SER A 1 14 ? 3.434   -2.559  0.972  1.00 0.00 ? 14 SER A N    1 
ATOM 222 C CA   . SER A 1 14 ? 4.596   -2.912  1.770  1.00 0.00 ? 14 SER A CA   1 
ATOM 223 C C    . SER A 1 14 ? 4.574   -4.408  2.091  1.00 0.00 ? 14 SER A C    1 
ATOM 224 O O    . SER A 1 14 ? 5.604   -5.076  2.020  1.00 0.00 ? 14 SER A O    1 
ATOM 225 C CB   . SER A 1 14 ? 4.647   -2.092  3.061  1.00 0.00 ? 14 SER A CB   1 
ATOM 226 O OG   . SER A 1 14 ? 5.967   -1.647  3.358  1.00 0.00 ? 14 SER A OG   1 
ATOM 227 H H    . SER A 1 14 ? 2.761   -1.984  1.437  1.00 0.00 ? 14 SER A H    1 
ATOM 228 H HA   . SER A 1 14 ? 5.458   -2.666  1.150  1.00 0.00 ? 14 SER A HA   1 
ATOM 229 H HB2  . SER A 1 14 ? 3.986   -1.231  2.970  1.00 0.00 ? 14 SER A HB2  1 
ATOM 230 H HB3  . SER A 1 14 ? 4.273   -2.695  3.889  1.00 0.00 ? 14 SER A HB3  1 
ATOM 231 H HG   . SER A 1 14 ? 6.250   -1.987  4.255  1.00 0.00 ? 14 SER A HG   1 
ATOM 232 N N    . TRP A 1 15 ? 3.390   -4.889  2.440  1.00 0.00 ? 15 TRP A N    1 
ATOM 233 C CA   . TRP A 1 15 ? 3.221   -6.293  2.772  1.00 0.00 ? 15 TRP A CA   1 
ATOM 234 C C    . TRP A 1 15 ? 3.459   -7.112  1.501  1.00 0.00 ? 15 TRP A C    1 
ATOM 235 O O    . TRP A 1 15 ? 4.260   -8.046  1.502  1.00 0.00 ? 15 TRP A O    1 
ATOM 236 C CB   . TRP A 1 15 ? 1.848   -6.547  3.399  1.00 0.00 ? 15 TRP A CB   1 
ATOM 237 C CG   . TRP A 1 15 ? 1.458   -5.532  4.475  1.00 0.00 ? 15 TRP A CG   1 
ATOM 238 C CD1  . TRP A 1 15 ? 1.047   -4.267  4.305  1.00 0.00 ? 15 TRP A CD1  1 
ATOM 239 C CD2  . TRP A 1 15 ? 1.459   -5.747  5.901  1.00 0.00 ? 15 TRP A CD2  1 
ATOM 240 N NE1  . TRP A 1 15 ? 0.783   -3.655  5.513  1.00 0.00 ? 15 TRP A NE1  1 
ATOM 241 C CE2  . TRP A 1 15 ? 1.042   -4.584  6.515  1.00 0.00 ? 15 TRP A CE2  1 
ATOM 242 C CE3  . TRP A 1 15 ? 1.800   -6.888  6.650  1.00 0.00 ? 15 TRP A CE3  1 
ATOM 243 C CZ2  . TRP A 1 15 ? 0.927   -4.448  7.904  1.00 0.00 ? 15 TRP A CZ2  1 
ATOM 244 C CZ3  . TRP A 1 15 ? 1.681   -6.735  8.036  1.00 0.00 ? 15 TRP A CZ3  1 
ATOM 245 C CH2  . TRP A 1 15 ? 1.263   -5.571  8.669  1.00 0.00 ? 15 TRP A CH2  1 
ATOM 246 H H    . TRP A 1 15 ? 2.557   -4.338  2.495  1.00 0.00 ? 15 TRP A H    1 
ATOM 247 H HA   . TRP A 1 15 ? 3.966   -6.549  3.526  1.00 0.00 ? 15 TRP A HA   1 
ATOM 248 H HB2  . TRP A 1 15 ? 1.094   -6.537  2.613  1.00 0.00 ? 15 TRP A HB2  1 
ATOM 249 H HB3  . TRP A 1 15 ? 1.839   -7.545  3.836  1.00 0.00 ? 15 TRP A HB3  1 
ATOM 250 H HD1  . TRP A 1 15 ? 0.935   -3.783  3.335  1.00 0.00 ? 15 TRP A HD1  1 
ATOM 251 H HE1  . TRP A 1 15 ? 0.437   -2.631  5.656  1.00 0.00 ? 15 TRP A HE1  1 
ATOM 252 H HE3  . TRP A 1 15 ? 2.132   -7.819  6.188  1.00 0.00 ? 15 TRP A HE3  1 
ATOM 253 H HZ2  . TRP A 1 15 ? 0.597   -3.517  8.365  1.00 0.00 ? 15 TRP A HZ2  1 
ATOM 254 H HZ3  . TRP A 1 15 ? 1.933   -7.591  8.663  1.00 0.00 ? 15 TRP A HZ3  1 
ATOM 255 H HH2  . TRP A 1 15 ? 1.196   -5.533  9.757  1.00 0.00 ? 15 TRP A HH2  1 
ATOM 256 N N    . HIS A 1 16 ? 2.748   -6.732  0.450  1.00 0.00 ? 16 HIS A N    1 
ATOM 257 C CA   . HIS A 1 16 ? 2.871   -7.421  -0.824 1.00 0.00 ? 16 HIS A CA   1 
ATOM 258 C C    . HIS A 1 16 ? 4.336   -7.791  -1.067 1.00 0.00 ? 16 HIS A C    1 
ATOM 259 O O    . HIS A 1 16 ? 4.652   -8.489  -2.030 1.00 0.00 ? 16 HIS A O    1 
ATOM 260 C CB   . HIS A 1 16 ? 2.277   -6.579  -1.955 1.00 0.00 ? 16 HIS A CB   1 
ATOM 261 C CG   . HIS A 1 16 ? 0.885   -6.069  -1.675 1.00 0.00 ? 16 HIS A CG   1 
ATOM 262 N ND1  . HIS A 1 16 ? 0.614   -5.126  -0.698 1.00 0.00 ? 16 HIS A ND1  1 
ATOM 263 C CD2  . HIS A 1 16 ? -0.311  -6.379  -2.252 1.00 0.00 ? 16 HIS A CD2  1 
ATOM 264 C CE1  . HIS A 1 16 ? -0.689  -4.888  -0.697 1.00 0.00 ? 16 HIS A CE1  1 
ATOM 265 N NE2  . HIS A 1 16 ? -1.262  -5.665  -1.661 1.00 0.00 ? 16 HIS A NE2  1 
ATOM 266 H H    . HIS A 1 16 ? 2.099   -5.973  0.459  1.00 0.00 ? 16 HIS A H    1 
ATOM 267 H HA   . HIS A 1 16 ? 2.283   -8.334  -0.745 1.00 0.00 ? 16 HIS A HA   1 
ATOM 268 H HB2  . HIS A 1 16 ? 2.934   -5.729  -2.145 1.00 0.00 ? 16 HIS A HB2  1 
ATOM 269 H HB3  . HIS A 1 16 ? 2.258   -7.176  -2.867 1.00 0.00 ? 16 HIS A HB3  1 
ATOM 270 H HD1  . HIS A 1 16 ? 1.287   -4.697  -0.097 1.00 0.00 ? 16 HIS A HD1  1 
ATOM 271 H HD2  . HIS A 1 16 ? -0.462  -7.092  -3.063 1.00 0.00 ? 16 HIS A HD2  1 
ATOM 272 H HE1  . HIS A 1 16 ? -1.213  -4.191  -0.041 1.00 0.00 ? 16 HIS A HE1  1 
ATOM 273 N N    . LEU A 1 17 ? 5.191   -7.308  -0.178 1.00 0.00 ? 17 LEU A N    1 
ATOM 274 C CA   . LEU A 1 17 ? 6.615   -7.580  -0.284 1.00 0.00 ? 17 LEU A CA   1 
ATOM 275 C C    . LEU A 1 17 ? 6.847   -8.649  -1.352 1.00 0.00 ? 17 LEU A C    1 
ATOM 276 O O    . LEU A 1 17 ? 7.443   -8.374  -2.393 1.00 0.00 ? 17 LEU A O    1 
ATOM 277 C CB   . LEU A 1 17 ? 7.194   -7.942  1.085  1.00 0.00 ? 17 LEU A CB   1 
ATOM 278 C CG   . LEU A 1 17 ? 8.079   -6.879  1.741  1.00 0.00 ? 17 LEU A CG   1 
ATOM 279 C CD1  . LEU A 1 17 ? 7.719   -6.700  3.217  1.00 0.00 ? 17 LEU A CD1  1 
ATOM 280 C CD2  . LEU A 1 17 ? 9.561   -7.205  1.548  1.00 0.00 ? 17 LEU A CD2  1 
ATOM 281 H H    . LEU A 1 17 ? 4.926   -6.741  0.602  1.00 0.00 ? 17 LEU A H    1 
ATOM 282 H HA   . LEU A 1 17 ? 7.100   -6.658  -0.606 1.00 0.00 ? 17 LEU A HA   1 
ATOM 283 H HB2  . LEU A 1 17 ? 6.368   -8.165  1.760  1.00 0.00 ? 17 LEU A HB2  1 
ATOM 284 H HB3  . LEU A 1 17 ? 7.777   -8.857  0.980  1.00 0.00 ? 17 LEU A HB3  1 
ATOM 285 H HG   . LEU A 1 17 ? 7.892   -5.925  1.246  1.00 0.00 ? 17 LEU A HG   1 
ATOM 286 H HD11 . LEU A 1 17 ? 8.295   -7.403  3.819  1.00 0.00 ? 17 LEU A HD11 1 
ATOM 287 H HD12 . LEU A 1 17 ? 7.950   -5.682  3.528  1.00 0.00 ? 17 LEU A HD12 1 
ATOM 288 H HD13 . LEU A 1 17 ? 6.654   -6.890  3.357  1.00 0.00 ? 17 LEU A HD13 1 
ATOM 289 H HD21 . LEU A 1 17 ? 9.862   -7.967  2.267  1.00 0.00 ? 17 LEU A HD21 1 
ATOM 290 H HD22 . LEU A 1 17 ? 9.723   -7.576  0.536  1.00 0.00 ? 17 LEU A HD22 1 
ATOM 291 H HD23 . LEU A 1 17 ? 10.155  -6.303  1.704  1.00 0.00 ? 17 LEU A HD23 1 
ATOM 292 N N    . PRO A 1 18 ? 6.351   -9.879  -1.051 1.00 0.00 ? 18 PRO A N    1 
ATOM 293 C CA   . PRO A 1 18 ? 6.499   -10.993 -1.974 1.00 0.00 ? 18 PRO A CA   1 
ATOM 294 C C    . PRO A 1 18 ? 5.537   -10.856 -3.156 1.00 0.00 ? 18 PRO A C    1 
ATOM 295 O O    . PRO A 1 18 ? 4.348   -11.146 -3.031 1.00 0.00 ? 18 PRO A O    1 
ATOM 296 C CB   . PRO A 1 18 ? 6.239   -12.234 -1.137 1.00 0.00 ? 18 PRO A CB   1 
ATOM 297 C CG   . PRO A 1 18 ? 5.503   -11.754 0.104  1.00 0.00 ? 18 PRO A CG   1 
ATOM 298 C CD   . PRO A 1 18 ? 5.640   -10.242 0.171  1.00 0.00 ? 18 PRO A CD   1 
ATOM 299 H HA   . PRO A 1 18 ? 7.418   -10.997 -2.368 1.00 0.00 ? 18 PRO A HA   1 
ATOM 300 H HB2  . PRO A 1 18 ? 5.642   -12.959 -1.690 1.00 0.00 ? 18 PRO A HB2  1 
ATOM 301 H HB3  . PRO A 1 18 ? 7.173   -12.728 -0.870 1.00 0.00 ? 18 PRO A HB3  1 
ATOM 302 H HG2  . PRO A 1 18 ? 4.453   -12.041 0.059  1.00 0.00 ? 18 PRO A HG2  1 
ATOM 303 H HG3  . PRO A 1 18 ? 5.922   -12.216 0.998  1.00 0.00 ? 18 PRO A HG3  1 
ATOM 304 H HD2  . PRO A 1 18 ? 4.664   -9.758  0.219  1.00 0.00 ? 18 PRO A HD2  1 
ATOM 305 H HD3  . PRO A 1 18 ? 6.192   -9.934  1.058  1.00 0.00 ? 18 PRO A HD3  1 
ATOM 306 N N    . SER A 1 19 ? 6.087   -10.413 -4.277 1.00 0.00 ? 19 SER A N    1 
ATOM 307 C CA   . SER A 1 19 ? 5.293   -10.234 -5.481 1.00 0.00 ? 19 SER A CA   1 
ATOM 308 C C    . SER A 1 19 ? 5.059   -11.586 -6.159 1.00 0.00 ? 19 SER A C    1 
ATOM 309 O O    . SER A 1 19 ? 4.325   -11.673 -7.141 1.00 0.00 ? 19 SER A O    1 
ATOM 310 C CB   . SER A 1 19 ? 5.971   -9.265  -6.450 1.00 0.00 ? 19 SER A CB   1 
ATOM 311 O OG   . SER A 1 19 ? 5.205   -8.079  -6.644 1.00 0.00 ? 19 SER A OG   1 
ATOM 312 H H    . SER A 1 19 ? 7.055   -10.179 -4.371 1.00 0.00 ? 19 SER A H    1 
ATOM 313 H HA   . SER A 1 19 ? 4.348   -9.808  -5.143 1.00 0.00 ? 19 SER A HA   1 
ATOM 314 H HB2  . SER A 1 19 ? 6.957   -9.000  -6.067 1.00 0.00 ? 19 SER A HB2  1 
ATOM 315 H HB3  . SER A 1 19 ? 6.124   -9.759  -7.409 1.00 0.00 ? 19 SER A HB3  1 
ATOM 316 H HG   . SER A 1 19 ? 4.937   -7.999  -7.604 1.00 0.00 ? 19 SER A HG   1 
ATOM 317 N N    . VAL A 1 20 ? 5.697   -12.607 -5.607 1.00 0.00 ? 20 VAL A N    1 
ATOM 318 C CA   . VAL A 1 20 ? 5.569   -13.951 -6.147 1.00 0.00 ? 20 VAL A CA   1 
ATOM 319 C C    . VAL A 1 20 ? 4.102   -14.218 -6.491 1.00 0.00 ? 20 VAL A C    1 
ATOM 320 O O    . VAL A 1 20 ? 3.769   -15.276 -7.024 1.00 0.00 ? 20 VAL A O    1 
ATOM 321 C CB   . VAL A 1 20 ? 6.145   -14.968 -5.160 1.00 0.00 ? 20 VAL A CB   1 
ATOM 322 C CG1  . VAL A 1 20 ? 5.888   -16.399 -5.635 1.00 0.00 ? 20 VAL A CG1  1 
ATOM 323 C CG2  . VAL A 1 20 ? 7.639   -14.726 -4.934 1.00 0.00 ? 20 VAL A CG2  1 
ATOM 324 H H    . VAL A 1 20 ? 6.294   -12.529 -4.807 1.00 0.00 ? 20 VAL A H    1 
ATOM 325 H HA   . VAL A 1 20 ? 6.158   -13.996 -7.061 1.00 0.00 ? 20 VAL A HA   1 
ATOM 326 H HB   . VAL A 1 20 ? 5.637   -14.836 -4.206 1.00 0.00 ? 20 VAL A HB   1 
ATOM 327 H HG11 . VAL A 1 20 ? 5.998   -16.448 -6.719 1.00 0.00 ? 20 VAL A HG11 1 
ATOM 328 H HG12 . VAL A 1 20 ? 6.605   -17.073 -5.167 1.00 0.00 ? 20 VAL A HG12 1 
ATOM 329 H HG13 . VAL A 1 20 ? 4.877   -16.697 -5.360 1.00 0.00 ? 20 VAL A HG13 1 
ATOM 330 H HG21 . VAL A 1 20 ? 7.819   -14.528 -3.877 1.00 0.00 ? 20 VAL A HG21 1 
ATOM 331 H HG22 . VAL A 1 20 ? 8.201   -15.609 -5.239 1.00 0.00 ? 20 VAL A HG22 1 
ATOM 332 H HG23 . VAL A 1 20 ? 7.962   -13.869 -5.524 1.00 0.00 ? 20 VAL A HG23 1 
# 
